data_8J6K
#
_entry.id   8J6K
#
_cell.length_a   86.254
_cell.length_b   86.254
_cell.length_c   194.120
_cell.angle_alpha   90.000
_cell.angle_beta   90.000
_cell.angle_gamma   120.000
#
_symmetry.space_group_name_H-M   'P 31 2 1'
#
loop_
_entity.id
_entity.type
_entity.pdbx_description
1 polymer 'Caspase-4 subunit p20'
2 polymer 'Caspase-4 subunit p10'
3 polymer Interleukin-18
4 polymer 'Arginine ADP-riboxanase OspC3'
#
loop_
_entity_poly.entity_id
_entity_poly.type
_entity_poly.pdbx_seq_one_letter_code
_entity_poly.pdbx_strand_id
1 'polypeptide(L)'
;STDALKLCPHEEFLRLCKERAEEIYPIKERNNRTRLALIICNTEFDHLPPRNGADFDITGMKELLEGLDYSVDVEENLTA
RDMESALRAFATRPEHKSSDSTFLVLMSHGILEGICGTVHDEKKPDVLLYDTIFQIFNNRNCLSLKDKPKVIIVQAARGA
NRGELWVRD
;
A
2 'polypeptide(L)'
;AVYKTHVEKDFIAFCSSTPHNVSWRDSTMGSIFITQLITCFQKYSWCCHLEEVFRKVQQSFETPRAKAQMPTIERLSMTR
YFYLFPGN
;
a
3 'polypeptide(L)'
;SMAAEPVEDNCINFVAMKFIDNTLYFIAEDDENLESDYFGKLESKLSVIRNLNDQVLFIDQGNRPLFEDMTDSDCRDNAP
RTIFIISMYKDSQPRGMAVTISVKCEKISTLSCENKIISFKEMNPPDNIKDTKSDIIFFQRSVPGHDNKMQFESSSYEGY
FLACEKERDLFKLILKKEDELGDRSIMFTVQNED
;
B
4 'polypeptide(L)'
;GPLGSGRPMLSTDNFKKIKLRDISLEDAIKASNYEEINNKVTDKKMAHQALAYSLGNKKADIALYLLSKFNFTKQDVAEM
EKMKNNRYCNLYDVEYLLSKDGANYKVLEYFINNGLVDVNKKFQKVNSGDTMLDNAMKSKDSKMIDFLLKNGAILGKRFE
I
;
C
#
# COMPACT_ATOMS: atom_id res chain seq x y z
N ASP A 3 18.75 8.43 -3.80
CA ASP A 3 18.26 7.71 -2.64
C ASP A 3 18.68 8.42 -1.36
N ALA A 4 19.38 9.53 -1.50
CA ALA A 4 19.81 10.34 -0.37
C ALA A 4 19.10 11.69 -0.41
N LEU A 5 18.72 12.18 0.76
CA LEU A 5 18.06 13.46 0.88
C LEU A 5 19.05 14.58 0.61
N LYS A 6 18.90 15.26 -0.54
CA LYS A 6 19.72 16.43 -0.81
C LYS A 6 19.37 17.55 0.16
N LEU A 7 20.39 18.05 0.86
CA LEU A 7 20.18 19.08 1.87
C LEU A 7 20.25 20.46 1.23
N CYS A 8 20.08 21.48 2.04
CA CYS A 8 20.04 22.85 1.58
C CYS A 8 21.16 23.63 2.23
N PRO A 9 21.93 24.41 1.48
CA PRO A 9 22.99 25.22 2.08
C PRO A 9 22.41 26.18 3.10
N HIS A 10 23.14 26.37 4.21
CA HIS A 10 22.68 27.23 5.29
C HIS A 10 22.46 28.67 4.83
N GLU A 11 23.22 29.10 3.82
CA GLU A 11 23.04 30.43 3.26
C GLU A 11 21.58 30.69 2.89
N GLU A 12 21.00 29.82 2.04
CA GLU A 12 19.63 30.02 1.57
C GLU A 12 18.66 30.00 2.73
N PHE A 13 18.94 29.18 3.74
CA PHE A 13 18.16 29.21 4.97
C PHE A 13 18.09 30.63 5.50
N LEU A 14 19.24 31.26 5.75
CA LEU A 14 19.19 32.61 6.29
C LEU A 14 18.51 33.57 5.31
N ARG A 15 18.89 33.49 4.04
CA ARG A 15 18.34 34.35 3.00
C ARG A 15 16.83 34.38 3.02
N LEU A 16 16.20 33.22 2.83
CA LEU A 16 14.74 33.17 2.75
C LEU A 16 14.11 33.46 4.09
N CYS A 17 14.67 32.91 5.19
CA CYS A 17 14.10 33.16 6.51
C CYS A 17 14.07 34.64 6.85
N LYS A 18 14.91 35.45 6.21
CA LYS A 18 14.85 36.90 6.40
C LYS A 18 14.01 37.58 5.34
N GLU A 19 14.21 37.25 4.05
CA GLU A 19 13.51 37.98 3.00
C GLU A 19 12.02 37.70 3.02
N ARG A 20 11.64 36.45 3.26
CA ARG A 20 10.25 36.03 3.26
C ARG A 20 9.74 35.73 4.67
N ALA A 21 10.30 36.44 5.68
CA ALA A 21 9.93 36.22 7.06
C ALA A 21 8.42 36.23 7.29
N GLU A 22 7.67 36.89 6.41
CA GLU A 22 6.22 36.95 6.48
C GLU A 22 5.54 35.95 5.55
N GLU A 23 6.24 35.53 4.49
CA GLU A 23 5.70 34.64 3.49
C GLU A 23 5.93 33.16 3.79
N ILE A 24 6.76 32.85 4.79
CA ILE A 24 7.10 31.47 5.11
C ILE A 24 6.85 31.24 6.59
N TYR A 25 6.75 29.97 6.95
CA TYR A 25 6.52 29.58 8.32
C TYR A 25 7.82 29.64 9.11
N PRO A 26 7.73 29.98 10.40
CA PRO A 26 8.94 29.99 11.24
C PRO A 26 9.49 28.58 11.43
N ILE A 27 10.82 28.46 11.40
CA ILE A 27 11.51 27.19 11.56
C ILE A 27 12.43 27.30 12.77
N LYS A 28 12.23 26.42 13.75
CA LYS A 28 13.05 26.43 14.94
C LYS A 28 14.49 26.01 14.63
N GLU A 29 15.37 26.21 15.61
CA GLU A 29 16.78 25.85 15.48
C GLU A 29 16.99 24.42 15.95
N ARG A 30 17.78 23.66 15.19
CA ARG A 30 17.97 22.24 15.50
C ARG A 30 18.51 22.02 16.91
N ASN A 31 19.28 22.99 17.42
CA ASN A 31 19.83 22.89 18.77
C ASN A 31 18.73 22.61 19.78
N ASN A 32 17.61 23.32 19.68
CA ASN A 32 16.44 23.10 20.53
C ASN A 32 15.23 22.94 19.59
N ARG A 33 14.91 21.70 19.23
CA ARG A 33 13.82 21.44 18.29
C ARG A 33 13.34 20.01 18.49
N THR A 34 12.29 19.84 19.28
CA THR A 34 11.67 18.54 19.49
C THR A 34 10.56 18.30 18.46
N ARG A 35 10.96 18.23 17.19
CA ARG A 35 10.02 17.93 16.12
C ARG A 35 9.51 16.50 16.28
N LEU A 36 8.19 16.34 16.32
CA LEU A 36 7.56 15.04 16.46
C LEU A 36 6.77 14.69 15.20
N ALA A 37 6.66 13.39 14.93
CA ALA A 37 5.89 12.90 13.80
C ALA A 37 5.29 11.56 14.17
N LEU A 38 4.12 11.27 13.63
CA LEU A 38 3.38 10.06 13.98
C LEU A 38 2.99 9.30 12.71
N ILE A 39 3.35 8.02 12.67
CA ILE A 39 2.93 7.12 11.60
C ILE A 39 2.01 6.07 12.21
N ILE A 40 0.87 5.84 11.56
CA ILE A 40 -0.06 4.79 11.94
C ILE A 40 -0.31 3.93 10.71
N CYS A 41 -0.11 2.63 10.85
CA CYS A 41 -0.18 1.72 9.72
C CYS A 41 -0.89 0.44 10.11
N ASN A 42 -1.93 0.09 9.35
CA ASN A 42 -2.66 -1.16 9.56
C ASN A 42 -2.27 -2.12 8.44
N THR A 43 -1.47 -3.13 8.78
CA THR A 43 -1.02 -4.09 7.79
C THR A 43 -1.92 -5.31 7.70
N GLU A 44 -2.38 -5.84 8.82
CA GLU A 44 -3.20 -7.05 8.87
C GLU A 44 -4.53 -6.72 9.55
N PHE A 45 -5.61 -7.32 9.03
CA PHE A 45 -6.96 -7.00 9.47
C PHE A 45 -7.68 -8.29 9.85
N ASP A 46 -8.93 -8.15 10.30
CA ASP A 46 -9.72 -9.32 10.69
C ASP A 46 -10.48 -9.88 9.50
N HIS A 47 -11.31 -9.06 8.87
CA HIS A 47 -12.19 -9.52 7.80
C HIS A 47 -11.76 -9.03 6.43
N LEU A 48 -10.65 -8.31 6.34
CA LEU A 48 -10.24 -7.65 5.12
C LEU A 48 -8.91 -8.18 4.63
N PRO A 49 -8.62 -8.07 3.33
CA PRO A 49 -7.37 -8.61 2.80
C PRO A 49 -6.19 -7.91 3.41
N PRO A 50 -5.06 -8.60 3.59
CA PRO A 50 -3.87 -7.97 4.14
C PRO A 50 -3.25 -6.98 3.16
N ARG A 51 -2.46 -6.06 3.72
CA ARG A 51 -1.82 -4.99 2.97
C ARG A 51 -0.32 -5.30 2.87
N ASN A 52 0.03 -6.22 1.98
CA ASN A 52 1.42 -6.62 1.84
C ASN A 52 2.22 -5.50 1.21
N GLY A 53 3.41 -5.26 1.75
CA GLY A 53 4.28 -4.21 1.26
C GLY A 53 4.30 -2.97 2.12
N ALA A 54 3.40 -2.85 3.09
CA ALA A 54 3.35 -1.68 3.94
C ALA A 54 4.62 -1.51 4.77
N ASP A 55 5.36 -2.60 5.01
CA ASP A 55 6.58 -2.50 5.80
C ASP A 55 7.58 -1.57 5.14
N PHE A 56 7.73 -1.66 3.82
CA PHE A 56 8.63 -0.77 3.11
C PHE A 56 8.16 0.67 3.23
N ASP A 57 6.84 0.90 3.18
CA ASP A 57 6.32 2.24 3.34
C ASP A 57 6.67 2.80 4.72
N ILE A 58 6.54 1.98 5.76
CA ILE A 58 6.85 2.46 7.11
C ILE A 58 8.34 2.77 7.23
N THR A 59 9.20 1.86 6.74
CA THR A 59 10.63 2.10 6.79
C THR A 59 10.99 3.39 6.08
N GLY A 60 10.49 3.57 4.86
CA GLY A 60 10.83 4.75 4.09
C GLY A 60 10.33 6.03 4.69
N MET A 61 9.06 6.05 5.13
CA MET A 61 8.52 7.26 5.73
C MET A 61 9.24 7.60 7.03
N LYS A 62 9.56 6.60 7.84
CA LYS A 62 10.28 6.87 9.08
C LYS A 62 11.66 7.44 8.78
N GLU A 63 12.36 6.86 7.81
CA GLU A 63 13.69 7.37 7.45
C GLU A 63 13.60 8.79 6.93
N LEU A 64 12.62 9.07 6.05
CA LEU A 64 12.46 10.41 5.50
C LEU A 64 12.15 11.43 6.59
N LEU A 65 11.27 11.08 7.53
CA LEU A 65 10.88 12.03 8.55
C LEU A 65 12.01 12.27 9.54
N GLU A 66 12.73 11.21 9.92
CA GLU A 66 13.89 11.39 10.79
C GLU A 66 14.99 12.15 10.08
N GLY A 67 15.05 12.06 8.75
CA GLY A 67 15.95 12.90 7.99
C GLY A 67 15.63 14.38 8.06
N LEU A 68 14.41 14.73 8.46
CA LEU A 68 14.00 16.11 8.64
C LEU A 68 13.92 16.51 10.10
N ASP A 69 14.69 15.83 10.96
CA ASP A 69 14.78 16.10 12.40
C ASP A 69 13.46 15.81 13.12
N TYR A 70 12.60 14.99 12.54
CA TYR A 70 11.34 14.60 13.20
C TYR A 70 11.55 13.30 13.96
N SER A 71 11.25 13.32 15.25
CA SER A 71 11.23 12.10 16.05
C SER A 71 9.95 11.34 15.72
N VAL A 72 10.11 10.18 15.09
CA VAL A 72 8.98 9.43 14.53
C VAL A 72 8.52 8.39 15.53
N ASP A 73 7.21 8.30 15.71
CA ASP A 73 6.60 7.25 16.52
C ASP A 73 5.66 6.45 15.62
N VAL A 74 5.81 5.13 15.60
CA VAL A 74 5.03 4.27 14.71
C VAL A 74 4.08 3.42 15.56
N GLU A 75 2.84 3.33 15.11
CA GLU A 75 1.82 2.49 15.72
C GLU A 75 1.21 1.63 14.64
N GLU A 76 1.11 0.32 14.90
CA GLU A 76 0.67 -0.63 13.90
C GLU A 76 -0.56 -1.38 14.40
N ASN A 77 -1.49 -1.62 13.48
CA ASN A 77 -2.65 -2.47 13.71
C ASN A 77 -3.49 -1.97 14.90
N LEU A 78 -4.20 -0.88 14.64
CA LEU A 78 -5.04 -0.23 15.64
C LEU A 78 -6.48 -0.18 15.17
N THR A 79 -7.42 -0.31 16.10
CA THR A 79 -8.81 -0.12 15.78
C THR A 79 -9.13 1.37 15.72
N ALA A 80 -10.26 1.71 15.11
CA ALA A 80 -10.60 3.11 14.89
C ALA A 80 -10.58 3.90 16.19
N ARG A 81 -11.21 3.37 17.25
CA ARG A 81 -11.18 4.06 18.53
C ARG A 81 -9.76 4.16 19.06
N ASP A 82 -8.97 3.10 18.88
CA ASP A 82 -7.58 3.12 19.30
C ASP A 82 -6.77 4.12 18.50
N MET A 83 -7.06 4.25 17.21
CA MET A 83 -6.43 5.30 16.42
C MET A 83 -6.78 6.67 16.97
N GLU A 84 -8.05 6.88 17.34
CA GLU A 84 -8.44 8.16 17.92
C GLU A 84 -7.66 8.44 19.19
N SER A 85 -7.52 7.43 20.04
CA SER A 85 -6.76 7.62 21.28
C SER A 85 -5.30 7.95 20.98
N ALA A 86 -4.70 7.24 20.01
CA ALA A 86 -3.31 7.51 19.66
C ALA A 86 -3.12 8.93 19.17
N LEU A 87 -4.03 9.39 18.32
CA LEU A 87 -3.94 10.75 17.81
C LEU A 87 -4.15 11.76 18.93
N ARG A 88 -5.07 11.50 19.84
CA ARG A 88 -5.32 12.45 20.92
C ARG A 88 -4.12 12.54 21.85
N ALA A 89 -3.49 11.39 22.14
CA ALA A 89 -2.26 11.39 22.92
C ALA A 89 -1.15 12.13 22.19
N PHE A 90 -1.03 11.93 20.87
CA PHE A 90 -0.03 12.67 20.11
C PHE A 90 -0.30 14.16 20.14
N ALA A 91 -1.57 14.56 20.27
CA ALA A 91 -1.93 15.97 20.33
C ALA A 91 -1.66 16.58 21.70
N THR A 92 -1.48 15.76 22.74
CA THR A 92 -1.20 16.25 24.07
C THR A 92 0.27 16.10 24.46
N ARG A 93 1.12 15.66 23.56
CA ARG A 93 2.53 15.48 23.92
C ARG A 93 3.20 16.85 24.05
N PRO A 94 4.02 17.05 25.10
CA PRO A 94 4.57 18.38 25.36
C PRO A 94 5.67 18.79 24.41
N GLU A 95 6.37 17.83 23.78
CA GLU A 95 7.43 18.17 22.84
C GLU A 95 6.93 19.07 21.72
N HIS A 96 5.63 19.04 21.42
CA HIS A 96 5.09 19.90 20.37
C HIS A 96 5.32 21.37 20.68
N LYS A 97 5.29 21.74 21.96
CA LYS A 97 5.54 23.12 22.34
C LYS A 97 6.92 23.60 21.89
N SER A 98 7.87 22.69 21.71
CA SER A 98 9.20 23.04 21.23
C SER A 98 9.40 22.69 19.76
N SER A 99 8.32 22.48 19.02
CA SER A 99 8.40 22.08 17.63
C SER A 99 7.84 23.17 16.73
N ASP A 100 8.20 23.09 15.45
CA ASP A 100 7.74 24.04 14.44
C ASP A 100 6.75 23.44 13.46
N SER A 101 6.52 22.13 13.51
CA SER A 101 5.64 21.46 12.55
C SER A 101 5.36 20.06 13.08
N THR A 102 4.44 19.38 12.40
CA THR A 102 4.13 18.00 12.73
C THR A 102 3.68 17.30 11.44
N PHE A 103 3.79 15.98 11.46
CA PHE A 103 3.42 15.13 10.33
C PHE A 103 2.65 13.93 10.85
N LEU A 104 1.57 13.58 10.16
CA LEU A 104 0.76 12.41 10.48
C LEU A 104 0.63 11.59 9.21
N VAL A 105 1.22 10.42 9.19
CA VAL A 105 1.14 9.53 8.04
C VAL A 105 0.24 8.38 8.42
N LEU A 106 -0.91 8.26 7.75
CA LEU A 106 -1.91 7.27 8.10
C LEU A 106 -2.16 6.36 6.90
N MET A 107 -1.89 5.07 7.07
CA MET A 107 -1.96 4.13 5.96
C MET A 107 -2.78 2.91 6.34
N SER A 108 -3.81 2.64 5.55
CA SER A 108 -4.67 1.47 5.76
C SER A 108 -5.54 1.33 4.52
N HIS A 109 -6.53 0.43 4.59
CA HIS A 109 -7.63 0.50 3.66
C HIS A 109 -8.44 1.76 3.94
N GLY A 110 -9.30 2.14 2.99
CA GLY A 110 -10.05 3.36 3.18
C GLY A 110 -11.36 3.38 2.43
N ILE A 111 -12.23 4.27 2.88
CA ILE A 111 -13.46 4.63 2.21
C ILE A 111 -13.48 6.16 2.09
N LEU A 112 -14.54 6.69 1.47
CA LEU A 112 -14.63 8.13 1.25
C LEU A 112 -14.62 8.88 2.58
N GLU A 113 -15.35 8.36 3.57
CA GLU A 113 -15.50 9.06 4.84
C GLU A 113 -14.22 9.03 5.66
N GLY A 114 -13.42 7.97 5.57
CA GLY A 114 -12.23 7.90 6.38
C GLY A 114 -11.45 6.63 6.16
N ILE A 115 -10.52 6.39 7.06
CA ILE A 115 -9.61 5.27 6.99
C ILE A 115 -10.20 4.10 7.78
N CYS A 116 -9.69 2.90 7.51
CA CYS A 116 -10.25 1.66 8.02
C CYS A 116 -9.43 1.12 9.19
N GLY A 117 -10.12 0.79 10.28
CA GLY A 117 -9.47 0.13 11.39
C GLY A 117 -9.35 -1.36 11.18
N THR A 118 -8.60 -2.01 12.07
CA THR A 118 -8.27 -3.42 11.85
C THR A 118 -9.50 -4.33 11.95
N VAL A 119 -10.55 -3.90 12.64
CA VAL A 119 -11.73 -4.73 12.81
C VAL A 119 -12.89 -4.21 11.95
N HIS A 120 -12.59 -3.47 10.89
CA HIS A 120 -13.62 -2.94 10.03
C HIS A 120 -14.34 -4.07 9.31
N ASP A 121 -15.57 -3.79 8.92
CA ASP A 121 -16.37 -4.70 8.11
C ASP A 121 -17.54 -3.93 7.54
N GLU A 122 -18.04 -4.40 6.39
CA GLU A 122 -19.18 -3.74 5.77
C GLU A 122 -20.43 -3.80 6.64
N LYS A 123 -20.56 -4.85 7.45
CA LYS A 123 -21.67 -4.93 8.39
C LYS A 123 -21.40 -4.11 9.64
N LYS A 124 -20.21 -4.25 10.22
CA LYS A 124 -19.79 -3.52 11.41
C LYS A 124 -18.63 -2.59 11.02
N PRO A 125 -18.92 -1.35 10.66
CA PRO A 125 -17.83 -0.45 10.23
C PRO A 125 -17.01 0.03 11.41
N ASP A 126 -15.68 -0.07 11.27
CA ASP A 126 -14.72 0.47 12.22
C ASP A 126 -13.83 1.43 11.44
N VAL A 127 -14.23 2.71 11.40
CA VAL A 127 -13.65 3.70 10.51
C VAL A 127 -13.27 4.94 11.31
N LEU A 128 -12.08 5.45 11.06
CA LEU A 128 -11.65 6.74 11.59
C LEU A 128 -11.88 7.79 10.53
N LEU A 129 -12.78 8.72 10.80
CA LEU A 129 -13.12 9.76 9.84
C LEU A 129 -12.03 10.82 9.79
N TYR A 130 -11.77 11.31 8.57
CA TYR A 130 -10.84 12.42 8.43
C TYR A 130 -11.23 13.61 9.30
N ASP A 131 -12.53 13.85 9.46
CA ASP A 131 -12.97 15.01 10.22
C ASP A 131 -12.52 14.90 11.67
N THR A 132 -12.54 13.70 12.23
CA THR A 132 -12.01 13.50 13.59
C THR A 132 -10.53 13.85 13.66
N ILE A 133 -9.76 13.47 12.64
CA ILE A 133 -8.35 13.79 12.59
C ILE A 133 -8.15 15.31 12.60
N PHE A 134 -8.89 16.02 11.74
CA PHE A 134 -8.72 17.47 11.72
C PHE A 134 -9.25 18.10 13.00
N GLN A 135 -10.15 17.43 13.70
CA GLN A 135 -10.71 17.98 14.92
C GLN A 135 -9.76 17.85 16.09
N ILE A 136 -9.04 16.73 16.16
CA ILE A 136 -8.16 16.48 17.31
C ILE A 136 -7.01 17.48 17.34
N PHE A 137 -6.54 17.91 16.17
CA PHE A 137 -5.36 18.75 16.08
C PHE A 137 -5.68 20.20 15.75
N ASN A 138 -6.93 20.63 15.87
CA ASN A 138 -7.24 22.03 15.66
C ASN A 138 -6.77 22.86 16.86
N ASN A 139 -6.85 24.18 16.71
CA ASN A 139 -6.41 25.07 17.78
C ASN A 139 -7.34 25.02 18.99
N ARG A 140 -8.37 24.19 18.97
CA ARG A 140 -9.26 24.05 20.11
C ARG A 140 -8.85 22.90 21.03
N ASN A 141 -8.23 21.86 20.48
CA ASN A 141 -7.85 20.69 21.25
C ASN A 141 -6.35 20.45 21.26
N CYS A 142 -5.58 21.15 20.43
CA CYS A 142 -4.13 21.03 20.40
C CYS A 142 -3.55 22.43 20.20
N LEU A 143 -3.65 23.26 21.24
CA LEU A 143 -3.08 24.60 21.18
C LEU A 143 -1.57 24.57 20.95
N SER A 144 -0.90 23.50 21.37
CA SER A 144 0.54 23.42 21.21
C SER A 144 0.96 23.45 19.74
N LEU A 145 0.01 23.21 18.82
CA LEU A 145 0.32 23.25 17.39
C LEU A 145 -0.32 24.44 16.69
N LYS A 146 -0.85 25.39 17.46
CA LYS A 146 -1.45 26.59 16.87
C LYS A 146 -0.44 27.34 16.02
N ASP A 147 -0.91 27.81 14.86
CA ASP A 147 -0.10 28.57 13.92
C ASP A 147 1.10 27.76 13.40
N LYS A 148 1.06 26.43 13.54
CA LYS A 148 2.14 25.59 13.05
C LYS A 148 1.64 24.64 11.97
N PRO A 149 2.45 24.39 10.93
CA PRO A 149 2.01 23.50 9.84
C PRO A 149 1.73 22.09 10.34
N LYS A 150 0.51 21.63 10.10
CA LYS A 150 0.07 20.29 10.46
C LYS A 150 -0.14 19.49 9.17
N VAL A 151 0.85 18.71 8.79
CA VAL A 151 0.84 17.97 7.54
C VAL A 151 0.24 16.59 7.76
N ILE A 152 -0.75 16.24 6.95
CA ILE A 152 -1.42 14.94 7.04
C ILE A 152 -1.27 14.26 5.69
N ILE A 153 -0.64 13.10 5.68
CA ILE A 153 -0.48 12.31 4.47
C ILE A 153 -1.18 10.97 4.69
N VAL A 154 -1.99 10.57 3.71
CA VAL A 154 -2.82 9.37 3.87
C VAL A 154 -2.69 8.51 2.63
N GLN A 155 -2.18 7.29 2.81
CA GLN A 155 -2.15 6.28 1.75
C GLN A 155 -3.32 5.34 2.01
N ALA A 156 -4.43 5.60 1.35
CA ALA A 156 -5.62 4.77 1.51
C ALA A 156 -6.55 5.07 0.36
N ALA A 157 -7.32 4.06 -0.03
CA ALA A 157 -8.36 4.28 -1.03
C ALA A 157 -9.42 5.21 -0.47
N ARG A 158 -10.22 5.78 -1.37
CA ARG A 158 -11.31 6.67 -0.98
C ARG A 158 -12.60 6.30 -1.72
N GLY A 159 -12.78 5.03 -2.05
CA GLY A 159 -13.92 4.62 -2.84
C GLY A 159 -13.67 3.26 -3.47
N ALA A 160 -14.63 2.84 -4.28
CA ALA A 160 -14.56 1.53 -4.92
C ALA A 160 -14.22 1.58 -6.41
N ASN A 161 -14.39 2.73 -7.07
CA ASN A 161 -14.17 2.84 -8.50
C ASN A 161 -12.68 2.75 -8.84
N ARG A 162 -12.40 2.28 -10.06
CA ARG A 162 -11.01 2.15 -10.50
C ARG A 162 -10.39 3.51 -10.81
N GLY A 163 -11.20 4.50 -11.14
CA GLY A 163 -10.68 5.82 -11.48
C GLY A 163 -9.95 5.88 -12.81
N GLU A 164 -10.38 5.09 -13.79
CA GLU A 164 -9.75 5.06 -15.11
C GLU A 164 -10.80 5.27 -16.18
N LEU A 165 -10.38 5.86 -17.30
CA LEU A 165 -11.25 6.08 -18.45
C LEU A 165 -10.49 5.84 -19.74
N TRP A 166 -11.19 5.22 -20.71
CA TRP A 166 -10.66 4.96 -22.05
C TRP A 166 -11.22 6.01 -23.01
N VAL A 167 -10.38 6.97 -23.39
CA VAL A 167 -10.80 8.13 -24.17
C VAL A 167 -9.88 8.29 -25.37
N ARG A 168 -10.45 8.64 -26.52
CA ARG A 168 -9.66 8.98 -27.70
C ARG A 168 -9.24 10.44 -27.68
N VAL B 2 -5.30 37.31 25.64
CA VAL B 2 -6.28 36.59 24.84
C VAL B 2 -6.56 37.33 23.54
N TYR B 3 -6.12 36.76 22.42
CA TYR B 3 -6.41 37.33 21.11
C TYR B 3 -7.27 36.36 20.29
N LYS B 4 -7.94 36.92 19.28
CA LYS B 4 -8.83 36.13 18.45
C LYS B 4 -8.04 35.30 17.45
N THR B 5 -8.41 34.03 17.33
CA THR B 5 -7.80 33.13 16.35
C THR B 5 -8.90 32.31 15.67
N HIS B 6 -8.48 31.58 14.65
CA HIS B 6 -9.34 30.64 13.97
C HIS B 6 -9.32 29.30 14.70
N VAL B 7 -10.43 28.57 14.61
CA VAL B 7 -10.46 27.21 15.16
C VAL B 7 -9.57 26.29 14.35
N GLU B 8 -9.73 26.31 13.03
CA GLU B 8 -8.94 25.47 12.13
C GLU B 8 -8.12 26.36 11.22
N LYS B 9 -6.81 26.15 11.21
CA LYS B 9 -5.91 26.92 10.37
C LYS B 9 -4.61 26.15 10.25
N ASP B 10 -3.90 26.40 9.15
CA ASP B 10 -2.55 25.84 8.91
C ASP B 10 -2.57 24.32 8.77
N PHE B 11 -3.59 23.79 8.11
CA PHE B 11 -3.72 22.37 7.84
C PHE B 11 -3.42 22.08 6.38
N ILE B 12 -3.08 20.83 6.10
CA ILE B 12 -2.96 20.37 4.72
C ILE B 12 -3.04 18.86 4.70
N ALA B 13 -3.83 18.31 3.78
CA ALA B 13 -3.94 16.87 3.65
C ALA B 13 -3.57 16.46 2.23
N PHE B 14 -2.81 15.38 2.10
CA PHE B 14 -2.40 14.89 0.79
C PHE B 14 -2.87 13.44 0.68
N CYS B 15 -4.04 13.26 0.05
CA CYS B 15 -4.59 11.93 -0.13
C CYS B 15 -3.99 11.28 -1.36
N SER B 16 -3.90 9.95 -1.33
CA SER B 16 -3.22 9.24 -2.38
C SER B 16 -4.04 9.12 -3.67
N SER B 17 -5.32 9.49 -3.65
CA SER B 17 -6.13 9.38 -4.85
C SER B 17 -7.28 10.38 -4.77
N THR B 18 -7.95 10.56 -5.90
CA THR B 18 -9.12 11.42 -5.95
C THR B 18 -10.27 10.77 -5.18
N PRO B 19 -11.24 11.57 -4.75
CA PRO B 19 -12.43 11.01 -4.10
C PRO B 19 -13.15 10.00 -4.97
N HIS B 20 -13.69 8.96 -4.31
CA HIS B 20 -14.47 7.85 -4.85
C HIS B 20 -13.61 6.80 -5.54
N ASN B 21 -12.30 6.96 -5.57
CA ASN B 21 -11.42 6.12 -6.37
C ASN B 21 -10.42 5.39 -5.49
N VAL B 22 -9.75 4.42 -6.09
CA VAL B 22 -8.89 3.48 -5.39
C VAL B 22 -7.44 3.91 -5.52
N SER B 23 -6.66 3.73 -4.46
CA SER B 23 -5.22 3.94 -4.50
C SER B 23 -4.50 2.60 -4.49
N TRP B 24 -3.37 2.54 -5.18
CA TRP B 24 -2.70 1.29 -5.47
C TRP B 24 -1.39 1.17 -4.71
N ARG B 25 -1.05 -0.07 -4.38
CA ARG B 25 0.12 -0.36 -3.57
C ARG B 25 0.79 -1.61 -4.14
N ASP B 26 2.12 -1.60 -4.18
CA ASP B 26 2.87 -2.74 -4.68
C ASP B 26 3.34 -3.60 -3.52
N SER B 27 3.12 -4.91 -3.64
CA SER B 27 3.42 -5.82 -2.53
C SER B 27 4.90 -6.05 -2.33
N THR B 28 5.76 -5.51 -3.20
CA THR B 28 7.20 -5.70 -3.08
C THR B 28 7.95 -4.42 -2.74
N MET B 29 7.47 -3.25 -3.17
CA MET B 29 8.14 -2.00 -2.87
C MET B 29 7.35 -1.07 -1.95
N GLY B 30 6.06 -1.28 -1.82
CA GLY B 30 5.20 -0.38 -1.08
C GLY B 30 4.19 0.28 -1.98
N SER B 31 3.54 1.31 -1.43
CA SER B 31 2.53 2.04 -2.19
C SER B 31 3.19 2.98 -3.19
N ILE B 32 2.59 3.06 -4.37
CA ILE B 32 3.13 3.94 -5.40
C ILE B 32 3.21 5.37 -4.90
N PHE B 33 2.17 5.80 -4.16
CA PHE B 33 2.11 7.17 -3.69
C PHE B 33 3.26 7.47 -2.73
N ILE B 34 3.51 6.56 -1.80
CA ILE B 34 4.60 6.76 -0.84
C ILE B 34 5.94 6.70 -1.54
N THR B 35 6.08 5.83 -2.53
CA THR B 35 7.32 5.75 -3.29
C THR B 35 7.63 7.08 -3.97
N GLN B 36 6.69 7.59 -4.78
CA GLN B 36 6.90 8.85 -5.45
C GLN B 36 7.08 10.00 -4.47
N LEU B 37 6.37 9.96 -3.34
CA LEU B 37 6.49 11.02 -2.35
C LEU B 37 7.89 11.07 -1.77
N ILE B 38 8.43 9.91 -1.37
CA ILE B 38 9.80 9.87 -0.88
C ILE B 38 10.78 10.32 -1.95
N THR B 39 10.57 9.86 -3.19
CA THR B 39 11.45 10.26 -4.28
C THR B 39 11.50 11.78 -4.41
N CYS B 40 10.33 12.42 -4.52
CA CYS B 40 10.29 13.87 -4.71
C CYS B 40 10.79 14.62 -3.50
N PHE B 41 10.59 14.09 -2.29
CA PHE B 41 11.12 14.76 -1.12
C PHE B 41 12.64 14.71 -1.11
N GLN B 42 13.22 13.55 -1.41
CA GLN B 42 14.68 13.48 -1.47
C GLN B 42 15.22 14.40 -2.55
N LYS B 43 14.54 14.45 -3.69
CA LYS B 43 15.11 15.15 -4.83
C LYS B 43 14.91 16.66 -4.78
N TYR B 44 13.86 17.15 -4.12
CA TYR B 44 13.48 18.55 -4.25
C TYR B 44 13.28 19.31 -2.95
N SER B 45 13.30 18.67 -1.79
CA SER B 45 12.95 19.36 -0.56
C SER B 45 13.90 20.50 -0.21
N TRP B 46 15.09 20.52 -0.78
CA TRP B 46 16.07 21.54 -0.43
C TRP B 46 15.78 22.87 -1.10
N CYS B 47 15.20 22.85 -2.30
CA CYS B 47 14.98 24.05 -3.09
C CYS B 47 13.52 24.41 -3.25
N CYS B 48 12.59 23.52 -2.89
CA CYS B 48 11.17 23.75 -3.05
C CYS B 48 10.48 23.68 -1.68
N HIS B 49 9.24 24.15 -1.63
CA HIS B 49 8.42 24.03 -0.44
C HIS B 49 7.45 22.87 -0.57
N LEU B 50 6.74 22.60 0.54
CA LEU B 50 5.94 21.38 0.65
C LEU B 50 4.96 21.26 -0.52
N GLU B 51 4.23 22.34 -0.81
CA GLU B 51 3.26 22.30 -1.89
C GLU B 51 3.93 22.06 -3.24
N GLU B 52 5.15 22.57 -3.43
CA GLU B 52 5.85 22.33 -4.70
C GLU B 52 6.27 20.88 -4.83
N VAL B 53 6.75 20.28 -3.74
CA VAL B 53 7.04 18.85 -3.76
C VAL B 53 5.77 18.05 -4.06
N PHE B 54 4.66 18.43 -3.43
CA PHE B 54 3.41 17.73 -3.68
C PHE B 54 2.97 17.90 -5.13
N ARG B 55 3.23 19.06 -5.73
CA ARG B 55 2.88 19.24 -7.13
C ARG B 55 3.78 18.41 -8.03
N LYS B 56 5.05 18.26 -7.65
CA LYS B 56 5.92 17.33 -8.36
C LYS B 56 5.36 15.91 -8.30
N VAL B 57 4.87 15.52 -7.12
CA VAL B 57 4.25 14.20 -6.97
C VAL B 57 3.05 14.07 -7.89
N GLN B 58 2.16 15.08 -7.87
CA GLN B 58 0.97 15.02 -8.70
C GLN B 58 1.33 14.99 -10.18
N GLN B 59 2.39 15.69 -10.58
CA GLN B 59 2.82 15.67 -11.97
C GLN B 59 3.35 14.30 -12.36
N SER B 60 4.02 13.61 -11.43
CA SER B 60 4.52 12.27 -11.71
C SER B 60 3.42 11.25 -11.91
N PHE B 61 2.16 11.57 -11.58
CA PHE B 61 1.02 10.73 -11.88
C PHE B 61 0.17 11.28 -13.02
N GLU B 62 0.60 12.36 -13.68
CA GLU B 62 -0.23 12.99 -14.69
C GLU B 62 -0.56 12.04 -15.83
N THR B 63 0.42 11.25 -16.27
CA THR B 63 0.18 10.27 -17.32
C THR B 63 0.01 8.90 -16.70
N PRO B 64 -1.17 8.28 -16.78
CA PRO B 64 -1.38 7.00 -16.09
C PRO B 64 -0.54 5.90 -16.72
N ARG B 65 0.31 5.29 -15.90
CA ARG B 65 1.19 4.23 -16.35
C ARG B 65 0.47 2.89 -16.29
N ALA B 66 0.80 2.05 -15.30
CA ALA B 66 0.13 0.77 -15.16
C ALA B 66 -1.33 0.97 -14.72
N LYS B 67 -1.52 1.57 -13.55
CA LYS B 67 -2.85 1.93 -13.07
C LYS B 67 -2.94 3.46 -12.99
N ALA B 68 -4.17 3.95 -13.01
CA ALA B 68 -4.43 5.38 -12.94
C ALA B 68 -4.75 5.78 -11.51
N GLN B 69 -4.14 6.86 -11.03
CA GLN B 69 -4.28 7.33 -9.66
C GLN B 69 -3.77 8.76 -9.53
N MET B 70 -4.62 9.68 -9.10
CA MET B 70 -4.25 11.09 -8.96
C MET B 70 -4.34 11.52 -7.51
N PRO B 71 -3.23 11.56 -6.78
CA PRO B 71 -3.28 12.09 -5.40
C PRO B 71 -3.78 13.52 -5.40
N THR B 72 -4.56 13.85 -4.37
CA THR B 72 -5.19 15.16 -4.30
C THR B 72 -4.92 15.83 -2.96
N ILE B 73 -4.74 17.14 -3.01
CA ILE B 73 -4.63 17.98 -1.82
C ILE B 73 -6.03 18.32 -1.34
N GLU B 74 -6.22 18.37 -0.03
CA GLU B 74 -7.53 18.52 0.58
C GLU B 74 -7.41 19.32 1.88
N ARG B 75 -8.46 20.09 2.19
CA ARG B 75 -8.56 20.87 3.43
C ARG B 75 -7.36 21.80 3.64
N LEU B 76 -6.91 22.45 2.58
CA LEU B 76 -5.72 23.30 2.65
C LEU B 76 -6.04 24.65 3.31
N SER B 77 -5.54 24.86 4.53
CA SER B 77 -5.84 26.06 5.30
C SER B 77 -4.57 26.85 5.62
N MET B 78 -3.55 26.73 4.79
CA MET B 78 -2.25 27.33 5.08
C MET B 78 -2.20 28.78 4.61
N THR B 79 -1.57 29.63 5.43
CA THR B 79 -1.43 31.04 5.11
C THR B 79 -0.07 31.40 4.55
N ARG B 80 0.96 30.61 4.88
CA ARG B 80 2.32 30.84 4.43
C ARG B 80 2.81 29.61 3.69
N TYR B 81 4.02 29.71 3.14
CA TYR B 81 4.66 28.55 2.52
C TYR B 81 5.53 27.83 3.55
N PHE B 82 5.66 26.51 3.36
CA PHE B 82 6.37 25.65 4.30
C PHE B 82 7.62 25.13 3.61
N TYR B 83 8.77 25.65 4.02
CA TYR B 83 10.06 25.15 3.57
C TYR B 83 10.65 24.27 4.67
N LEU B 84 10.80 22.98 4.38
CA LEU B 84 11.31 22.05 5.38
C LEU B 84 12.76 22.34 5.73
N PHE B 85 13.51 22.90 4.79
CA PHE B 85 14.92 23.22 4.98
C PHE B 85 15.67 21.97 5.41
N PRO B 86 15.84 20.99 4.52
CA PRO B 86 16.58 19.79 4.89
C PRO B 86 18.05 20.12 5.14
N GLY B 87 18.66 19.33 6.03
CA GLY B 87 20.04 19.56 6.38
C GLY B 87 20.28 20.68 7.35
N ASN B 88 19.22 21.22 7.96
CA ASN B 88 19.37 22.29 8.92
C ASN B 88 18.50 22.02 10.14
N ASP C 9 -17.50 -2.09 -13.18
CA ASP C 9 -17.09 -3.38 -12.63
C ASP C 9 -15.58 -3.55 -12.74
N ASN C 10 -15.07 -4.66 -12.23
CA ASN C 10 -13.64 -4.92 -12.27
C ASN C 10 -13.41 -5.82 -13.47
N CYS C 11 -13.18 -5.19 -14.62
CA CYS C 11 -13.03 -5.86 -15.90
C CYS C 11 -11.56 -6.00 -16.24
N ILE C 12 -11.26 -6.99 -17.05
CA ILE C 12 -9.89 -7.27 -17.50
C ILE C 12 -9.69 -6.59 -18.84
N ASN C 13 -8.72 -5.68 -18.91
CA ASN C 13 -8.48 -4.89 -20.10
C ASN C 13 -7.30 -5.47 -20.85
N PHE C 14 -7.51 -5.77 -22.14
CA PHE C 14 -6.49 -6.37 -22.98
C PHE C 14 -5.82 -5.29 -23.80
N VAL C 15 -4.49 -5.23 -23.73
CA VAL C 15 -3.72 -4.20 -24.42
C VAL C 15 -3.12 -4.72 -25.73
N ALA C 16 -3.21 -6.01 -25.98
CA ALA C 16 -2.61 -6.55 -27.18
C ALA C 16 -3.27 -7.88 -27.53
N MET C 17 -3.05 -8.32 -28.76
CA MET C 17 -3.64 -9.53 -29.28
C MET C 17 -2.60 -10.25 -30.13
N LYS C 18 -2.68 -11.58 -30.16
CA LYS C 18 -1.65 -12.43 -30.76
C LYS C 18 -2.34 -13.51 -31.58
N PHE C 19 -2.33 -13.35 -32.91
CA PHE C 19 -2.86 -14.37 -33.83
C PHE C 19 -1.69 -15.21 -34.33
N ILE C 20 -1.50 -16.37 -33.70
CA ILE C 20 -0.46 -17.32 -34.06
C ILE C 20 -1.09 -18.68 -34.32
N ASP C 21 -0.51 -19.43 -35.26
CA ASP C 21 -0.95 -20.79 -35.61
C ASP C 21 -2.47 -20.87 -35.77
N ASN C 22 -3.02 -19.93 -36.54
CA ASN C 22 -4.45 -19.81 -36.74
C ASN C 22 -5.18 -19.76 -35.40
N THR C 23 -4.63 -18.97 -34.48
CA THR C 23 -5.21 -18.82 -33.14
C THR C 23 -4.86 -17.45 -32.59
N LEU C 24 -5.89 -16.71 -32.16
CA LEU C 24 -5.70 -15.37 -31.64
C LEU C 24 -5.76 -15.39 -30.12
N TYR C 25 -4.78 -14.75 -29.47
CA TYR C 25 -4.69 -14.66 -28.03
C TYR C 25 -4.68 -13.19 -27.62
N PHE C 26 -5.36 -12.88 -26.52
CA PHE C 26 -5.51 -11.51 -26.03
C PHE C 26 -4.58 -11.30 -24.84
N ILE C 27 -3.59 -10.40 -24.99
CA ILE C 27 -2.65 -10.06 -23.93
C ILE C 27 -3.28 -9.01 -23.04
N ALA C 28 -3.09 -9.17 -21.73
CA ALA C 28 -3.67 -8.30 -20.70
C ALA C 28 -2.58 -7.43 -20.09
N GLU C 29 -3.03 -6.38 -19.39
CA GLU C 29 -2.13 -5.47 -18.70
C GLU C 29 -1.39 -6.19 -17.59
N ASP C 30 -0.21 -5.67 -17.25
CA ASP C 30 0.62 -6.24 -16.19
C ASP C 30 0.15 -5.67 -14.86
N ASP C 31 -0.41 -6.54 -14.02
CA ASP C 31 -0.80 -6.13 -12.68
C ASP C 31 0.40 -5.73 -11.83
N GLU C 32 1.58 -6.28 -12.15
CA GLU C 32 2.83 -5.93 -11.47
C GLU C 32 2.74 -6.14 -9.96
N ASN C 33 1.96 -7.15 -9.54
CA ASN C 33 1.71 -7.44 -8.13
C ASN C 33 1.08 -6.25 -7.40
N LEU C 34 0.51 -5.30 -8.15
CA LEU C 34 -0.15 -4.16 -7.54
C LEU C 34 -1.46 -4.60 -6.90
N GLU C 35 -1.65 -4.22 -5.65
CA GLU C 35 -2.86 -4.56 -4.91
C GLU C 35 -3.64 -3.30 -4.58
N SER C 36 -4.94 -3.47 -4.40
CA SER C 36 -5.82 -2.37 -4.04
C SER C 36 -5.83 -2.17 -2.53
N ASP C 37 -5.81 -0.89 -2.11
CA ASP C 37 -6.06 -0.53 -0.72
C ASP C 37 -7.53 -0.31 -0.44
N TYR C 38 -8.40 -0.99 -1.20
CA TYR C 38 -9.82 -1.11 -0.91
C TYR C 38 -10.14 -2.60 -0.76
N PHE C 39 -11.32 -2.90 -0.23
CA PHE C 39 -11.73 -4.28 0.03
C PHE C 39 -12.76 -4.69 -1.01
N GLY C 40 -12.38 -5.60 -1.90
CA GLY C 40 -13.29 -6.09 -2.92
C GLY C 40 -12.55 -6.83 -4.01
N LYS C 41 -13.33 -7.49 -4.86
CA LYS C 41 -12.78 -8.27 -5.97
C LYS C 41 -13.91 -8.64 -6.93
N LEU C 42 -13.57 -8.72 -8.22
CA LEU C 42 -14.51 -9.06 -9.28
C LEU C 42 -13.73 -9.26 -10.57
N GLU C 43 -14.16 -10.21 -11.40
CA GLU C 43 -13.51 -10.56 -12.67
C GLU C 43 -14.54 -11.22 -13.60
N SER C 44 -15.54 -10.44 -14.01
CA SER C 44 -16.63 -10.99 -14.81
C SER C 44 -16.60 -10.56 -16.26
N LYS C 45 -15.76 -9.60 -16.64
CA LYS C 45 -15.81 -9.05 -17.98
C LYS C 45 -14.41 -8.74 -18.49
N LEU C 46 -14.30 -8.57 -19.81
CA LEU C 46 -13.04 -8.19 -20.44
C LEU C 46 -13.32 -7.40 -21.70
N SER C 47 -12.32 -6.66 -22.16
CA SER C 47 -12.49 -5.78 -23.31
C SER C 47 -11.14 -5.52 -23.97
N VAL C 48 -11.19 -5.37 -25.29
CA VAL C 48 -10.05 -4.99 -26.10
C VAL C 48 -10.13 -3.49 -26.35
N ILE C 49 -9.00 -2.81 -26.25
CA ILE C 49 -8.91 -1.36 -26.34
C ILE C 49 -8.17 -0.99 -27.62
N ARG C 50 -8.72 -0.02 -28.34
CA ARG C 50 -8.16 0.41 -29.63
C ARG C 50 -6.84 1.15 -29.40
N ASN C 51 -5.93 0.53 -28.65
CA ASN C 51 -4.59 1.09 -28.50
C ASN C 51 -3.80 0.87 -29.78
N LEU C 52 -3.10 1.91 -30.23
CA LEU C 52 -2.37 1.90 -31.49
C LEU C 52 -3.26 1.51 -32.68
N ASN C 53 -4.57 1.74 -32.53
CA ASN C 53 -5.56 1.46 -33.58
C ASN C 53 -5.62 -0.02 -33.93
N ASP C 54 -5.75 -0.86 -32.91
CA ASP C 54 -5.90 -2.29 -33.10
C ASP C 54 -7.32 -2.71 -33.42
N GLN C 55 -8.26 -1.77 -33.46
CA GLN C 55 -9.66 -2.09 -33.64
C GLN C 55 -10.24 -1.19 -34.72
N VAL C 56 -10.86 -1.80 -35.73
CA VAL C 56 -11.49 -1.08 -36.81
C VAL C 56 -12.96 -1.43 -36.86
N PRO C 80 2.66 -5.97 -39.85
CA PRO C 80 1.70 -6.84 -39.16
C PRO C 80 1.45 -6.42 -37.72
N ARG C 81 0.21 -6.03 -37.43
CA ARG C 81 -0.18 -5.60 -36.09
C ARG C 81 -1.32 -6.41 -35.48
N THR C 82 -1.80 -7.45 -36.17
CA THR C 82 -2.89 -8.29 -35.70
C THR C 82 -4.10 -7.45 -35.33
N ILE C 83 -4.62 -6.75 -36.32
CA ILE C 83 -5.73 -5.83 -36.09
C ILE C 83 -7.05 -6.59 -36.09
N PHE C 84 -8.02 -6.04 -35.37
CA PHE C 84 -9.34 -6.63 -35.21
C PHE C 84 -10.35 -5.89 -36.08
N ILE C 85 -11.27 -6.62 -36.67
CA ILE C 85 -12.24 -6.06 -37.62
C ILE C 85 -13.63 -6.50 -37.22
N ILE C 86 -14.52 -5.54 -37.00
CA ILE C 86 -15.92 -5.79 -36.70
C ILE C 86 -16.76 -5.15 -37.78
N SER C 87 -17.62 -5.93 -38.42
CA SER C 87 -18.41 -5.47 -39.55
C SER C 87 -19.89 -5.58 -39.22
N MET C 88 -20.69 -4.70 -39.84
CA MET C 88 -22.13 -4.74 -39.69
C MET C 88 -22.82 -5.09 -41.00
N MET C 97 -27.94 -4.78 -33.97
CA MET C 97 -28.02 -5.52 -35.23
C MET C 97 -27.07 -6.71 -35.22
N ALA C 98 -26.58 -7.10 -36.39
CA ALA C 98 -25.69 -8.23 -36.53
C ALA C 98 -24.29 -7.77 -36.94
N VAL C 99 -23.30 -8.64 -36.71
CA VAL C 99 -21.90 -8.32 -36.95
C VAL C 99 -21.19 -9.55 -37.49
N THR C 100 -20.10 -9.32 -38.22
CA THR C 100 -19.17 -10.37 -38.65
C THR C 100 -17.77 -10.01 -38.19
N ILE C 101 -17.06 -10.98 -37.62
CA ILE C 101 -15.80 -10.74 -36.94
C ILE C 101 -14.64 -11.28 -37.77
N SER C 102 -13.59 -10.47 -37.90
CA SER C 102 -12.44 -10.80 -38.73
C SER C 102 -11.16 -10.39 -38.02
N VAL C 103 -10.07 -11.09 -38.34
CA VAL C 103 -8.74 -10.81 -37.82
C VAL C 103 -7.81 -10.58 -39.01
N LYS C 104 -6.94 -9.58 -38.91
CA LYS C 104 -6.00 -9.29 -40.00
C LYS C 104 -4.59 -9.14 -39.43
N CYS C 105 -3.77 -10.18 -39.61
CA CYS C 105 -2.34 -10.15 -39.32
C CYS C 105 -1.61 -10.60 -40.57
N GLU C 106 -1.70 -9.79 -41.63
CA GLU C 106 -1.24 -10.14 -42.98
C GLU C 106 -2.04 -11.31 -43.55
N LYS C 107 -3.21 -11.61 -42.97
CA LYS C 107 -4.02 -12.74 -43.41
C LYS C 107 -5.43 -12.52 -42.83
N ILE C 108 -6.30 -11.89 -43.63
CA ILE C 108 -7.65 -11.60 -43.16
C ILE C 108 -8.45 -12.90 -43.08
N SER C 109 -9.02 -13.17 -41.90
CA SER C 109 -9.72 -14.41 -41.64
C SER C 109 -10.95 -14.13 -40.78
N THR C 110 -12.10 -14.60 -41.25
CA THR C 110 -13.37 -14.47 -40.54
C THR C 110 -13.51 -15.55 -39.47
N LEU C 111 -14.43 -15.32 -38.54
CA LEU C 111 -14.70 -16.25 -37.46
C LEU C 111 -15.98 -17.04 -37.74
N SER C 112 -15.98 -18.30 -37.31
CA SER C 112 -17.13 -19.19 -37.42
C SER C 112 -17.29 -19.98 -36.13
N CYS C 113 -18.54 -20.23 -35.75
CA CYS C 113 -18.89 -20.95 -34.54
C CYS C 113 -19.49 -22.32 -34.81
N GLU C 114 -19.29 -22.85 -36.02
CA GLU C 114 -19.96 -24.08 -36.43
C GLU C 114 -19.56 -25.24 -35.52
N ASN C 115 -20.54 -26.12 -35.26
CA ASN C 115 -20.39 -27.24 -34.32
C ASN C 115 -20.07 -26.75 -32.91
N LYS C 116 -20.50 -25.52 -32.60
CA LYS C 116 -20.19 -24.87 -31.32
C LYS C 116 -18.68 -24.81 -31.06
N ILE C 117 -17.90 -24.72 -32.13
CA ILE C 117 -16.45 -24.68 -32.03
C ILE C 117 -15.95 -23.46 -32.81
N ILE C 118 -15.08 -22.68 -32.17
CA ILE C 118 -14.53 -21.49 -32.80
C ILE C 118 -13.54 -21.89 -33.89
N SER C 119 -13.56 -21.16 -35.01
CA SER C 119 -12.64 -21.41 -36.11
C SER C 119 -12.42 -20.11 -36.89
N PHE C 120 -11.22 -19.96 -37.45
CA PHE C 120 -10.87 -18.80 -38.26
C PHE C 120 -10.52 -19.27 -39.66
N LYS C 121 -11.22 -18.72 -40.66
CA LYS C 121 -11.05 -19.13 -42.04
C LYS C 121 -10.76 -17.90 -42.90
N GLU C 122 -9.73 -17.98 -43.74
CA GLU C 122 -9.36 -16.85 -44.60
C GLU C 122 -10.44 -16.66 -45.67
N MET C 123 -11.14 -15.53 -45.61
CA MET C 123 -12.18 -15.22 -46.58
C MET C 123 -12.22 -13.72 -46.88
N ILE C 136 -20.16 -17.89 -37.85
CA ILE C 136 -20.40 -17.22 -39.12
C ILE C 136 -20.93 -15.80 -38.90
N ILE C 137 -22.10 -15.70 -38.25
CA ILE C 137 -22.75 -14.43 -37.99
C ILE C 137 -22.99 -14.31 -36.50
N PHE C 138 -22.85 -13.09 -35.98
CA PHE C 138 -23.10 -12.80 -34.57
C PHE C 138 -23.88 -11.50 -34.47
N PHE C 139 -24.54 -11.31 -33.34
CA PHE C 139 -25.36 -10.13 -33.06
C PHE C 139 -24.71 -9.31 -31.98
N GLN C 140 -24.67 -7.98 -32.19
CA GLN C 140 -24.18 -7.05 -31.20
C GLN C 140 -25.26 -6.80 -30.15
N ARG C 141 -24.86 -6.82 -28.88
CA ARG C 141 -25.77 -6.72 -27.75
C ARG C 141 -25.12 -5.86 -26.68
N SER C 142 -25.94 -5.14 -25.94
CA SER C 142 -25.42 -4.26 -24.88
C SER C 142 -24.97 -5.11 -23.70
N VAL C 143 -23.77 -4.81 -23.21
CA VAL C 143 -23.19 -5.58 -22.10
C VAL C 143 -23.99 -5.32 -20.84
N PRO C 144 -24.29 -6.34 -20.03
CA PRO C 144 -25.04 -6.11 -18.79
C PRO C 144 -24.35 -5.12 -17.87
N GLY C 145 -25.02 -4.01 -17.61
CA GLY C 145 -24.47 -2.98 -16.75
C GLY C 145 -23.34 -2.20 -17.39
N HIS C 146 -23.45 -1.90 -18.69
CA HIS C 146 -22.42 -1.13 -19.38
C HIS C 146 -23.07 -0.36 -20.51
N ASP C 147 -22.44 0.75 -20.88
CA ASP C 147 -22.91 1.64 -21.93
C ASP C 147 -21.97 1.71 -23.12
N ASN C 148 -20.66 1.77 -22.87
CA ASN C 148 -19.68 1.78 -23.96
C ASN C 148 -19.35 0.39 -24.45
N LYS C 149 -19.41 -0.61 -23.59
CA LYS C 149 -19.03 -1.95 -23.99
C LYS C 149 -20.10 -2.56 -24.90
N MET C 150 -19.68 -3.52 -25.72
CA MET C 150 -20.55 -4.22 -26.66
C MET C 150 -20.11 -5.68 -26.72
N GLN C 151 -21.06 -6.61 -26.60
CA GLN C 151 -20.80 -8.04 -26.65
C GLN C 151 -21.50 -8.62 -27.86
N PHE C 152 -21.33 -9.92 -28.07
CA PHE C 152 -21.83 -10.56 -29.29
C PHE C 152 -22.34 -11.96 -28.99
N GLU C 153 -23.42 -12.34 -29.67
CA GLU C 153 -24.05 -13.65 -29.52
C GLU C 153 -24.09 -14.36 -30.87
N SER C 154 -23.95 -15.67 -30.84
CA SER C 154 -23.98 -16.47 -32.06
C SER C 154 -25.33 -16.38 -32.74
N SER C 155 -25.32 -16.30 -34.08
CA SER C 155 -26.55 -16.27 -34.87
C SER C 155 -27.13 -17.66 -35.04
N SER C 156 -26.27 -18.65 -35.36
CA SER C 156 -26.76 -20.00 -35.59
C SER C 156 -26.98 -20.73 -34.28
N TYR C 157 -26.01 -20.68 -33.37
CA TYR C 157 -26.12 -21.33 -32.07
C TYR C 157 -26.48 -20.27 -31.03
N GLU C 158 -27.75 -19.88 -31.02
CA GLU C 158 -28.22 -18.84 -30.12
C GLU C 158 -28.09 -19.27 -28.67
N GLY C 159 -28.20 -18.29 -27.76
CA GLY C 159 -28.05 -18.54 -26.34
C GLY C 159 -26.60 -18.61 -25.93
N TYR C 160 -25.75 -18.98 -26.89
CA TYR C 160 -24.31 -19.05 -26.68
C TYR C 160 -23.67 -17.77 -27.18
N PHE C 161 -22.77 -17.22 -26.38
CA PHE C 161 -22.11 -15.97 -26.66
C PHE C 161 -20.62 -16.20 -26.70
N LEU C 162 -19.91 -15.25 -27.33
CA LEU C 162 -18.45 -15.27 -27.36
C LEU C 162 -17.89 -15.02 -25.97
N ALA C 163 -16.78 -15.69 -25.66
CA ALA C 163 -16.24 -15.71 -24.32
C ALA C 163 -14.74 -15.85 -24.41
N CYS C 164 -14.07 -15.90 -23.26
CA CYS C 164 -12.63 -16.10 -23.22
C CYS C 164 -12.24 -16.99 -22.05
N GLU C 165 -11.12 -17.67 -22.23
CA GLU C 165 -10.47 -18.54 -21.25
C GLU C 165 -9.01 -18.10 -21.13
N LYS C 166 -8.30 -18.74 -20.20
CA LYS C 166 -6.97 -18.32 -19.77
C LYS C 166 -5.96 -19.39 -20.16
N GLU C 167 -4.98 -19.00 -20.97
CA GLU C 167 -3.83 -19.82 -21.33
C GLU C 167 -2.68 -19.64 -20.35
N ARG C 168 -2.98 -19.49 -19.06
CA ARG C 168 -2.00 -19.33 -18.01
C ARG C 168 -1.21 -18.02 -18.16
N ASP C 169 -0.73 -17.74 -19.36
CA ASP C 169 -0.03 -16.49 -19.63
C ASP C 169 -0.79 -15.55 -20.56
N LEU C 170 -1.71 -16.08 -21.37
CA LEU C 170 -2.50 -15.25 -22.27
C LEU C 170 -3.98 -15.56 -22.10
N PHE C 171 -4.81 -15.02 -23.00
CA PHE C 171 -6.25 -15.24 -22.95
C PHE C 171 -6.72 -15.57 -24.37
N LYS C 172 -7.63 -16.52 -24.48
CA LYS C 172 -8.06 -17.05 -25.77
C LYS C 172 -9.56 -16.96 -25.91
N LEU C 173 -10.01 -16.91 -27.16
CA LEU C 173 -11.43 -16.78 -27.49
C LEU C 173 -12.09 -18.15 -27.62
N ILE C 174 -13.32 -18.24 -27.12
CA ILE C 174 -14.13 -19.45 -27.13
C ILE C 174 -15.59 -19.04 -27.30
N LEU C 175 -16.49 -20.02 -27.25
CA LEU C 175 -17.93 -19.79 -27.32
C LEU C 175 -18.62 -20.64 -26.27
N LYS C 176 -19.47 -20.03 -25.44
CA LYS C 176 -20.16 -20.82 -24.42
C LYS C 176 -21.41 -20.08 -23.96
N LYS C 177 -22.16 -20.73 -23.08
CA LYS C 177 -23.50 -20.31 -22.69
C LYS C 177 -23.49 -19.69 -21.31
N GLU C 178 -24.48 -18.83 -21.06
CA GLU C 178 -24.65 -18.22 -19.75
C GLU C 178 -25.22 -19.21 -18.75
N ARG C 184 -12.76 -20.05 -15.90
CA ARG C 184 -13.96 -20.87 -15.89
C ARG C 184 -15.07 -20.25 -16.73
N SER C 185 -15.36 -18.97 -16.50
CA SER C 185 -16.41 -18.28 -17.22
C SER C 185 -16.05 -16.80 -17.32
N ILE C 186 -15.68 -16.34 -18.51
CA ILE C 186 -15.28 -14.95 -18.74
C ILE C 186 -15.84 -14.49 -20.08
N MET C 187 -16.36 -13.26 -20.12
CA MET C 187 -17.14 -12.75 -21.26
C MET C 187 -16.37 -11.71 -22.05
N PHE C 188 -16.46 -11.78 -23.37
CA PHE C 188 -15.75 -10.89 -24.28
C PHE C 188 -16.60 -9.69 -24.65
N THR C 189 -16.02 -8.49 -24.53
CA THR C 189 -16.71 -7.24 -24.82
C THR C 189 -15.82 -6.35 -25.67
N VAL C 190 -16.45 -5.34 -26.29
CA VAL C 190 -15.75 -4.38 -27.15
C VAL C 190 -16.30 -2.99 -26.86
N GLN C 191 -15.41 -2.01 -26.76
CA GLN C 191 -15.79 -0.62 -26.50
C GLN C 191 -16.38 0.00 -27.76
N ASN C 192 -17.58 0.57 -27.64
CA ASN C 192 -18.28 1.16 -28.78
C ASN C 192 -17.94 2.65 -28.84
N GLU C 193 -17.06 3.00 -29.77
CA GLU C 193 -16.66 4.39 -29.96
C GLU C 193 -15.96 4.58 -31.32
N ILE D 23 20.39 -16.79 -5.04
CA ILE D 23 19.41 -15.85 -4.54
C ILE D 23 19.88 -15.22 -3.23
N SER D 24 18.94 -14.70 -2.45
CA SER D 24 19.25 -14.01 -1.21
C SER D 24 18.81 -14.84 -0.01
N LEU D 25 19.19 -14.37 1.18
CA LEU D 25 18.87 -15.09 2.41
C LEU D 25 17.38 -15.07 2.69
N GLU D 26 16.73 -13.91 2.54
CA GLU D 26 15.31 -13.81 2.84
C GLU D 26 14.50 -14.68 1.88
N ASP D 27 14.85 -14.67 0.59
CA ASP D 27 14.16 -15.53 -0.35
C ASP D 27 14.46 -17.00 -0.11
N ALA D 28 15.67 -17.32 0.37
CA ALA D 28 15.99 -18.69 0.72
C ALA D 28 15.19 -19.17 1.92
N ILE D 29 14.89 -18.26 2.86
CA ILE D 29 14.04 -18.63 3.98
C ILE D 29 12.59 -18.77 3.54
N LYS D 30 12.14 -17.91 2.64
CA LYS D 30 10.77 -17.98 2.15
C LYS D 30 10.53 -19.26 1.36
N ALA D 31 11.47 -19.64 0.50
CA ALA D 31 11.36 -20.84 -0.31
C ALA D 31 11.95 -22.06 0.34
N SER D 32 12.47 -21.94 1.57
CA SER D 32 13.02 -23.07 2.33
C SER D 32 14.21 -23.70 1.60
N ASN D 33 15.08 -22.87 1.07
CA ASN D 33 16.29 -23.34 0.38
C ASN D 33 17.39 -23.53 1.41
N TYR D 34 17.28 -24.64 2.16
CA TYR D 34 18.20 -24.91 3.25
C TYR D 34 19.65 -24.91 2.80
N GLU D 35 19.91 -25.28 1.55
CA GLU D 35 21.28 -25.36 1.06
C GLU D 35 21.94 -23.98 1.05
N GLU D 36 21.34 -23.03 0.33
CA GLU D 36 21.90 -21.70 0.29
C GLU D 36 21.82 -21.01 1.64
N ILE D 37 20.83 -21.38 2.46
CA ILE D 37 20.78 -20.87 3.83
C ILE D 37 22.05 -21.26 4.58
N ASN D 38 22.32 -22.56 4.68
CA ASN D 38 23.49 -23.03 5.40
C ASN D 38 24.78 -22.51 4.77
N ASN D 39 24.79 -22.32 3.46
CA ASN D 39 25.97 -21.76 2.82
C ASN D 39 26.19 -20.31 3.22
N LYS D 40 25.10 -19.55 3.36
CA LYS D 40 25.20 -18.15 3.76
C LYS D 40 25.20 -17.97 5.27
N VAL D 41 24.49 -18.82 6.00
CA VAL D 41 24.44 -18.71 7.46
C VAL D 41 25.77 -19.21 8.03
N THR D 42 26.54 -18.28 8.60
CA THR D 42 27.84 -18.61 9.18
C THR D 42 27.97 -18.01 10.58
N ASP D 43 28.36 -16.74 10.65
CA ASP D 43 28.54 -16.08 11.93
C ASP D 43 27.21 -15.94 12.66
N LYS D 44 27.29 -15.71 13.97
CA LYS D 44 26.06 -15.54 14.75
C LYS D 44 25.35 -14.22 14.45
N LYS D 45 26.05 -13.23 13.87
CA LYS D 45 25.35 -12.08 13.33
C LYS D 45 24.43 -12.50 12.18
N MET D 46 24.93 -13.38 11.32
CA MET D 46 24.09 -13.92 10.25
C MET D 46 22.94 -14.74 10.82
N ALA D 47 23.18 -15.42 11.93
CA ALA D 47 22.10 -16.15 12.60
C ALA D 47 21.04 -15.20 13.14
N HIS D 48 21.48 -14.07 13.71
CA HIS D 48 20.55 -13.03 14.14
C HIS D 48 19.68 -12.57 12.98
N GLN D 49 20.33 -12.20 11.87
CA GLN D 49 19.59 -11.72 10.70
C GLN D 49 18.62 -12.78 10.20
N ALA D 50 19.06 -14.03 10.12
CA ALA D 50 18.20 -15.08 9.59
C ALA D 50 17.03 -15.37 10.51
N LEU D 51 17.27 -15.31 11.82
CA LEU D 51 16.17 -15.51 12.76
C LEU D 51 15.14 -14.40 12.66
N ALA D 52 15.62 -13.15 12.53
CA ALA D 52 14.71 -12.04 12.35
C ALA D 52 13.90 -12.18 11.06
N TYR D 53 14.55 -12.60 9.98
CA TYR D 53 13.83 -12.80 8.71
C TYR D 53 12.82 -13.93 8.81
N SER D 54 13.16 -15.00 9.53
CA SER D 54 12.24 -16.11 9.69
C SER D 54 11.02 -15.69 10.52
N LEU D 55 11.26 -14.88 11.55
CA LEU D 55 10.15 -14.35 12.35
C LEU D 55 9.26 -13.44 11.52
N GLY D 56 9.87 -12.57 10.70
CA GLY D 56 9.08 -11.65 9.91
C GLY D 56 8.20 -12.35 8.89
N ASN D 57 8.78 -13.29 8.14
CA ASN D 57 8.04 -14.03 7.12
C ASN D 57 7.22 -15.18 7.68
N LYS D 58 7.19 -15.33 9.01
CA LYS D 58 6.42 -16.38 9.67
C LYS D 58 6.83 -17.76 9.19
N LYS D 59 8.13 -17.99 9.09
CA LYS D 59 8.69 -19.30 8.72
C LYS D 59 9.27 -19.91 9.99
N ALA D 60 8.39 -20.52 10.78
CA ALA D 60 8.80 -21.03 12.09
C ALA D 60 9.76 -22.21 11.95
N ASP D 61 9.64 -22.99 10.87
CA ASP D 61 10.53 -24.13 10.67
C ASP D 61 11.97 -23.69 10.53
N ILE D 62 12.22 -22.69 9.68
CA ILE D 62 13.58 -22.18 9.51
C ILE D 62 14.09 -21.57 10.81
N ALA D 63 13.22 -20.81 11.50
CA ALA D 63 13.63 -20.18 12.75
C ALA D 63 14.05 -21.21 13.78
N LEU D 64 13.28 -22.30 13.91
CA LEU D 64 13.62 -23.34 14.87
C LEU D 64 14.86 -24.11 14.44
N TYR D 65 14.98 -24.39 13.14
CA TYR D 65 16.19 -25.05 12.65
C TYR D 65 17.43 -24.20 12.95
N LEU D 66 17.30 -22.88 12.91
CA LEU D 66 18.44 -22.03 13.25
C LEU D 66 18.65 -21.95 14.75
N LEU D 67 17.57 -21.93 15.53
CA LEU D 67 17.68 -21.88 16.98
C LEU D 67 18.27 -23.17 17.54
N SER D 68 18.16 -24.26 16.80
CA SER D 68 18.82 -25.50 17.18
C SER D 68 20.21 -25.61 16.60
N LYS D 69 20.40 -25.21 15.33
CA LYS D 69 21.71 -25.21 14.70
C LYS D 69 22.67 -24.22 15.38
N PHE D 70 22.15 -23.22 16.07
CA PHE D 70 22.97 -22.27 16.80
C PHE D 70 22.46 -22.16 18.22
N ASN D 71 23.35 -21.78 19.13
CA ASN D 71 23.00 -21.57 20.54
C ASN D 71 22.83 -20.07 20.77
N PHE D 72 21.63 -19.67 21.14
CA PHE D 72 21.29 -18.27 21.31
C PHE D 72 21.32 -17.88 22.78
N THR D 73 21.88 -16.70 23.06
CA THR D 73 21.96 -16.15 24.41
C THR D 73 21.00 -14.97 24.53
N LYS D 74 21.02 -14.33 25.70
CA LYS D 74 20.25 -13.10 25.89
C LYS D 74 20.92 -11.91 25.21
N GLN D 75 22.24 -11.82 25.34
CA GLN D 75 22.96 -10.80 24.59
C GLN D 75 22.76 -10.97 23.09
N ASP D 76 22.53 -12.20 22.63
CA ASP D 76 22.15 -12.41 21.25
C ASP D 76 20.84 -11.69 20.93
N VAL D 77 19.86 -11.78 21.82
CA VAL D 77 18.58 -11.10 21.59
C VAL D 77 18.78 -9.59 21.60
N ALA D 78 19.61 -9.07 22.50
CA ALA D 78 19.90 -7.65 22.51
C ALA D 78 20.52 -7.20 21.18
N GLU D 79 21.56 -7.92 20.74
CA GLU D 79 22.21 -7.57 19.48
C GLU D 79 21.25 -7.70 18.30
N MET D 80 20.32 -8.66 18.36
CA MET D 80 19.26 -8.71 17.36
C MET D 80 18.43 -7.43 17.37
N GLU D 81 18.08 -6.95 18.58
CA GLU D 81 17.38 -5.68 18.68
C GLU D 81 18.20 -4.52 18.14
N LYS D 82 19.51 -4.68 18.07
CA LYS D 82 20.38 -3.60 17.56
C LYS D 82 20.60 -3.67 16.05
N MET D 83 19.91 -4.55 15.33
CA MET D 83 20.15 -4.73 13.90
C MET D 83 19.37 -3.69 13.11
N LYS D 84 20.07 -2.63 12.69
CA LYS D 84 19.46 -1.63 11.83
C LYS D 84 19.29 -2.14 10.40
N ASN D 85 20.06 -3.14 10.00
CA ASN D 85 19.98 -3.64 8.63
C ASN D 85 18.68 -4.41 8.41
N ASN D 86 18.33 -5.31 9.32
CA ASN D 86 17.14 -6.13 9.16
C ASN D 86 15.90 -5.27 9.25
N ARG D 87 15.07 -5.29 8.21
CA ARG D 87 13.87 -4.46 8.20
C ARG D 87 12.96 -4.77 9.38
N TYR D 88 12.71 -6.07 9.61
CA TYR D 88 11.81 -6.46 10.68
C TYR D 88 12.37 -6.07 12.05
N CYS D 89 13.69 -6.02 12.15
CA CYS D 89 14.32 -5.65 13.44
C CYS D 89 14.62 -4.14 13.47
N ASN D 90 14.69 -3.50 12.30
CA ASN D 90 14.87 -2.03 12.28
C ASN D 90 13.60 -1.37 12.80
N LEU D 91 12.44 -1.99 12.56
CA LEU D 91 11.15 -1.37 12.95
C LEU D 91 10.56 -2.10 14.16
N TYR D 92 10.41 -3.41 14.05
CA TYR D 92 9.69 -4.16 15.11
C TYR D 92 10.63 -4.76 16.16
N ASP D 93 10.18 -4.84 17.41
CA ASP D 93 10.94 -5.51 18.45
C ASP D 93 10.90 -7.02 18.25
N VAL D 94 11.91 -7.70 18.78
CA VAL D 94 11.98 -9.15 18.64
C VAL D 94 10.75 -9.80 19.26
N GLU D 95 10.33 -9.30 20.43
CA GLU D 95 9.11 -9.79 21.06
C GLU D 95 7.89 -9.49 20.19
N TYR D 96 7.88 -8.33 19.52
CA TYR D 96 6.81 -8.03 18.58
C TYR D 96 6.78 -9.06 17.45
N LEU D 97 7.97 -9.41 16.92
CA LEU D 97 8.03 -10.39 15.84
C LEU D 97 7.57 -11.76 16.32
N LEU D 98 7.88 -12.10 17.58
CA LEU D 98 7.45 -13.38 18.14
C LEU D 98 5.95 -13.41 18.39
N SER D 99 5.35 -12.27 18.71
CA SER D 99 3.94 -12.21 19.05
C SER D 99 3.07 -11.71 17.89
N LYS D 100 3.66 -11.47 16.72
CA LYS D 100 2.91 -10.89 15.60
C LYS D 100 1.72 -11.75 15.22
N ASP D 101 1.96 -13.00 14.86
CA ASP D 101 0.90 -13.95 14.54
C ASP D 101 1.23 -15.28 15.20
N GLY D 102 0.27 -16.20 15.16
CA GLY D 102 0.44 -17.49 15.81
C GLY D 102 1.52 -18.37 15.19
N ALA D 103 1.93 -18.06 13.95
CA ALA D 103 2.88 -18.91 13.25
C ALA D 103 4.17 -19.09 14.06
N ASN D 104 4.68 -18.01 14.65
CA ASN D 104 5.92 -18.06 15.40
C ASN D 104 5.77 -18.66 16.79
N TYR D 105 4.59 -19.24 17.08
CA TYR D 105 4.28 -19.76 18.41
C TYR D 105 5.40 -20.64 18.95
N LYS D 106 5.71 -21.73 18.23
CA LYS D 106 6.78 -22.62 18.63
C LYS D 106 8.06 -21.84 18.93
N VAL D 107 8.45 -20.95 18.01
CA VAL D 107 9.65 -20.14 18.23
C VAL D 107 9.55 -19.38 19.54
N LEU D 108 8.40 -18.73 19.75
CA LEU D 108 8.13 -18.05 21.02
C LEU D 108 8.45 -18.96 22.19
N GLU D 109 7.88 -20.17 22.19
CA GLU D 109 8.10 -21.10 23.29
C GLU D 109 9.58 -21.25 23.59
N TYR D 110 10.40 -21.40 22.55
CA TYR D 110 11.83 -21.52 22.75
C TYR D 110 12.35 -20.36 23.60
N PHE D 111 12.11 -19.13 23.16
CA PHE D 111 12.61 -17.97 23.89
C PHE D 111 12.04 -17.87 25.29
N ILE D 112 10.85 -18.44 25.50
CA ILE D 112 10.27 -18.48 26.84
C ILE D 112 10.84 -19.64 27.65
N ASN D 113 11.07 -20.79 27.00
CA ASN D 113 11.56 -21.94 27.73
C ASN D 113 13.07 -21.84 27.96
N ASN D 114 13.82 -21.47 26.92
CA ASN D 114 15.26 -21.28 27.07
C ASN D 114 15.61 -19.97 27.78
N GLY D 115 14.60 -19.18 28.16
CA GLY D 115 14.81 -17.96 28.93
C GLY D 115 15.69 -16.93 28.23
N LEU D 116 15.17 -16.32 27.17
CA LEU D 116 15.92 -15.30 26.43
C LEU D 116 15.23 -13.95 26.37
N VAL D 117 13.90 -13.91 26.52
CA VAL D 117 13.13 -12.67 26.49
C VAL D 117 12.23 -12.63 27.71
N ASP D 118 12.06 -11.42 28.25
CA ASP D 118 11.08 -11.21 29.31
C ASP D 118 9.69 -11.16 28.69
N VAL D 119 8.78 -11.99 29.20
CA VAL D 119 7.42 -12.06 28.66
C VAL D 119 6.69 -10.73 28.83
N ASN D 120 7.00 -9.97 29.88
CA ASN D 120 6.32 -8.71 30.14
C ASN D 120 7.21 -7.51 29.82
N LYS D 121 8.08 -7.66 28.83
CA LYS D 121 8.84 -6.53 28.35
C LYS D 121 7.95 -5.65 27.48
N LYS D 122 7.98 -4.34 27.74
CA LYS D 122 7.18 -3.42 26.97
C LYS D 122 7.90 -3.06 25.68
N PHE D 123 7.17 -3.08 24.57
CA PHE D 123 7.76 -2.74 23.29
C PHE D 123 8.27 -1.30 23.30
N GLN D 124 9.37 -1.05 22.60
CA GLN D 124 9.96 0.27 22.58
C GLN D 124 10.05 0.89 21.19
N LYS D 125 9.93 0.10 20.12
CA LYS D 125 9.99 0.65 18.78
C LYS D 125 8.59 0.88 18.23
N VAL D 126 7.93 -0.19 17.79
CA VAL D 126 6.59 -0.12 17.22
C VAL D 126 5.59 -0.48 18.31
N ASN D 127 4.43 0.18 18.31
CA ASN D 127 3.43 0.02 19.36
C ASN D 127 4.07 0.09 20.73
N SER D 128 4.86 1.16 20.94
CA SER D 128 5.57 1.33 22.20
C SER D 128 4.62 1.25 23.38
N GLY D 129 5.03 0.52 24.42
CA GLY D 129 4.27 0.36 25.62
C GLY D 129 3.51 -0.94 25.70
N ASP D 130 3.12 -1.50 24.57
CA ASP D 130 2.41 -2.77 24.57
C ASP D 130 3.36 -3.92 24.89
N THR D 131 2.77 -5.01 25.36
CA THR D 131 3.50 -6.25 25.61
C THR D 131 3.07 -7.31 24.60
N MET D 132 3.71 -8.48 24.67
CA MET D 132 3.37 -9.56 23.76
C MET D 132 1.94 -10.04 23.97
N LEU D 133 1.44 -9.89 25.19
CA LEU D 133 0.04 -10.25 25.45
C LEU D 133 -0.91 -9.36 24.67
N ASP D 134 -0.52 -8.11 24.43
CA ASP D 134 -1.36 -7.20 23.64
C ASP D 134 -1.45 -7.65 22.19
N ASN D 135 -0.31 -8.05 21.61
CA ASN D 135 -0.32 -8.60 20.26
C ASN D 135 -1.14 -9.88 20.21
N ALA D 136 -0.99 -10.75 21.22
CA ALA D 136 -1.79 -11.97 21.27
C ALA D 136 -3.29 -11.66 21.31
N MET D 137 -3.66 -10.62 22.05
CA MET D 137 -5.06 -10.20 22.10
C MET D 137 -5.53 -9.67 20.75
N LYS D 138 -4.63 -8.98 20.04
CA LYS D 138 -4.97 -8.47 18.71
C LYS D 138 -5.23 -9.62 17.73
N SER D 139 -4.32 -10.59 17.69
CA SER D 139 -4.48 -11.72 16.78
C SER D 139 -5.67 -12.60 17.15
N LYS D 140 -6.16 -12.51 18.39
CA LYS D 140 -7.29 -13.33 18.86
C LYS D 140 -6.97 -14.82 18.74
N ASP D 141 -5.80 -15.20 19.24
CA ASP D 141 -5.33 -16.58 19.20
C ASP D 141 -5.39 -17.16 20.61
N SER D 142 -6.13 -18.25 20.77
CA SER D 142 -6.32 -18.83 22.10
C SER D 142 -5.05 -19.48 22.62
N LYS D 143 -4.33 -20.20 21.76
CA LYS D 143 -3.15 -20.94 22.20
C LYS D 143 -2.09 -20.00 22.75
N MET D 144 -1.83 -18.89 22.06
CA MET D 144 -0.78 -17.97 22.50
C MET D 144 -1.19 -17.22 23.76
N ILE D 145 -2.46 -16.82 23.84
CA ILE D 145 -2.97 -16.21 25.06
C ILE D 145 -2.79 -17.16 26.25
N ASP D 146 -3.17 -18.43 26.08
CA ASP D 146 -3.02 -19.39 27.17
C ASP D 146 -1.57 -19.54 27.57
N PHE D 147 -0.69 -19.74 26.59
CA PHE D 147 0.72 -19.93 26.90
C PHE D 147 1.30 -18.72 27.61
N LEU D 148 0.82 -17.51 27.29
CA LEU D 148 1.36 -16.31 27.92
C LEU D 148 0.82 -16.14 29.34
N LEU D 149 -0.50 -16.31 29.51
CA LEU D 149 -1.08 -16.17 30.84
C LEU D 149 -0.55 -17.24 31.79
N LYS D 150 -0.40 -18.47 31.29
CA LYS D 150 0.15 -19.54 32.12
C LYS D 150 1.54 -19.20 32.63
N ASN D 151 2.33 -18.50 31.80
CA ASN D 151 3.63 -17.99 32.21
C ASN D 151 3.55 -16.60 32.83
N GLY D 152 2.36 -16.18 33.25
CA GLY D 152 2.20 -14.94 33.98
C GLY D 152 2.48 -13.71 33.14
N ALA D 153 1.79 -13.58 32.01
CA ALA D 153 1.95 -12.41 31.17
C ALA D 153 0.92 -11.35 31.56
N ILE D 154 1.33 -10.09 31.46
CA ILE D 154 0.47 -8.96 31.81
C ILE D 154 0.38 -8.04 30.60
N LEU D 155 -0.62 -7.17 30.63
CA LEU D 155 -0.79 -6.16 29.59
C LEU D 155 0.09 -4.95 29.89
N GLY D 156 0.30 -4.13 28.85
CA GLY D 156 1.23 -3.03 28.98
C GLY D 156 0.64 -1.77 29.59
N LYS D 157 -0.68 -1.62 29.54
CA LYS D 157 -1.37 -0.42 30.01
C LYS D 157 -0.82 0.83 29.31
N ARG D 158 -0.96 0.84 27.99
CA ARG D 158 -0.50 1.95 27.15
C ARG D 158 -1.30 3.23 27.42
#